data_1GTW
#
_entry.id   1GTW
#
_cell.length_a   100.938
_cell.length_b   112.533
_cell.length_c   74.349
_cell.angle_alpha   90.00
_cell.angle_beta   90.00
_cell.angle_gamma   90.00
#
_symmetry.space_group_name_H-M   'C 2 2 21'
#
loop_
_entity.id
_entity.type
_entity.pdbx_description
1 polymer 'CAAT/ENHANCER BINDING PROTEIN BETA'
2 polymer "5'-D(*AP*AP*TP*GP*TP*GP*GP*CP*GP*CP* AP*AP*TP*CP*CP*T)-3'"
3 polymer "5'-D(*TP*AP*GP*GP*AP*TP*TP*GP*CP*GP* CP*CP*AP*CP*AP*T)-3'"
4 water water
#
loop_
_entity_poly.entity_id
_entity_poly.type
_entity_poly.pdbx_seq_one_letter_code
_entity_poly.pdbx_strand_id
1 'polypeptide(L)' VKSKAKKTVDKHSDEYKIRRERNNIAVRKSRDKAKMRNLETQHKVLELTAENERLQKKVEQLSRELSTLRNLFKQLPE A,B
2 'polydeoxyribonucleotide' (DA)(DA)(DT)(DG)(DT)(DG)(DG)(DC)(DG)(DC)(DA)(DA)(DT)(DC)(DC)(DT) C
3 'polydeoxyribonucleotide' (DT)(DA)(DG)(DG)(DA)(DT)(DT)(DG)(DC)(DG)(DC)(DC)(DA)(DC)(DA)(DT) D
#
loop_
_chem_comp.id
_chem_comp.type
_chem_comp.name
_chem_comp.formula
DA DNA linking 2'-DEOXYADENOSINE-5'-MONOPHOSPHATE 'C10 H14 N5 O6 P'
DC DNA linking 2'-DEOXYCYTIDINE-5'-MONOPHOSPHATE 'C9 H14 N3 O7 P'
DG DNA linking 2'-DEOXYGUANOSINE-5'-MONOPHOSPHATE 'C10 H14 N5 O7 P'
DT DNA linking THYMIDINE-5'-MONOPHOSPHATE 'C10 H15 N2 O8 P'
#
# COMPACT_ATOMS: atom_id res chain seq x y z
N ASP A 10 -23.39 16.65 -34.09
CA ASP A 10 -24.67 17.25 -33.61
C ASP A 10 -25.07 16.69 -32.24
N LYS A 11 -25.36 17.57 -31.30
CA LYS A 11 -25.74 17.18 -29.94
C LYS A 11 -27.14 16.57 -29.84
N HIS A 12 -27.96 16.75 -30.88
CA HIS A 12 -29.31 16.20 -30.88
C HIS A 12 -29.27 14.83 -31.54
N SER A 13 -28.18 14.57 -32.24
CA SER A 13 -27.99 13.30 -32.93
C SER A 13 -28.10 12.14 -31.95
N ASP A 14 -28.87 11.12 -32.32
CA ASP A 14 -29.05 9.96 -31.47
C ASP A 14 -27.71 9.27 -31.28
N GLU A 15 -26.86 9.35 -32.30
CA GLU A 15 -25.55 8.74 -32.24
C GLU A 15 -24.70 9.45 -31.18
N TYR A 16 -24.81 10.77 -31.13
CA TYR A 16 -24.06 11.55 -30.15
C TYR A 16 -24.54 11.15 -28.75
N LYS A 17 -25.86 11.13 -28.60
CA LYS A 17 -26.47 10.78 -27.32
C LYS A 17 -26.04 9.42 -26.77
N ILE A 18 -25.93 8.42 -27.65
CA ILE A 18 -25.52 7.09 -27.20
C ILE A 18 -24.04 7.09 -26.91
N ARG A 19 -23.29 7.93 -27.65
CA ARG A 19 -21.85 8.04 -27.47
C ARG A 19 -21.55 8.57 -26.08
N ARG A 20 -22.25 9.64 -25.70
CA ARG A 20 -22.08 10.26 -24.38
C ARG A 20 -22.48 9.28 -23.29
N GLU A 21 -23.62 8.62 -23.49
CA GLU A 21 -24.13 7.67 -22.52
C GLU A 21 -23.14 6.54 -22.26
N ARG A 22 -22.56 6.00 -23.34
CA ARG A 22 -21.59 4.93 -23.23
C ARG A 22 -20.27 5.40 -22.62
N ASN A 23 -19.80 6.57 -23.04
CA ASN A 23 -18.55 7.09 -22.52
C ASN A 23 -18.66 7.45 -21.05
N ASN A 24 -19.81 7.97 -20.64
CA ASN A 24 -19.98 8.34 -19.24
C ASN A 24 -19.88 7.09 -18.36
N ILE A 25 -20.32 5.96 -18.90
CA ILE A 25 -20.25 4.69 -18.18
C ILE A 25 -18.79 4.27 -18.07
N ALA A 26 -18.07 4.35 -19.20
CA ALA A 26 -16.67 3.97 -19.27
C ALA A 26 -15.81 4.85 -18.37
N VAL A 27 -16.10 6.14 -18.35
CA VAL A 27 -15.35 7.09 -17.53
C VAL A 27 -15.52 6.77 -16.06
N ARG A 28 -16.75 6.53 -15.64
CA ARG A 28 -17.02 6.18 -14.24
C ARG A 28 -16.33 4.88 -13.88
N LYS A 29 -16.39 3.90 -14.78
CA LYS A 29 -15.79 2.61 -14.55
C LYS A 29 -14.28 2.74 -14.39
N SER A 30 -13.68 3.55 -15.27
CA SER A 30 -12.24 3.76 -15.23
C SER A 30 -11.82 4.47 -13.94
N ARG A 31 -12.62 5.45 -13.51
CA ARG A 31 -12.30 6.20 -12.31
C ARG A 31 -12.49 5.39 -11.03
N ASP A 32 -13.44 4.46 -11.04
CA ASP A 32 -13.67 3.60 -9.89
C ASP A 32 -12.50 2.63 -9.78
N LYS A 33 -12.07 2.07 -10.90
CA LYS A 33 -10.95 1.13 -10.90
C LYS A 33 -9.71 1.79 -10.32
N ALA A 34 -9.45 3.03 -10.75
CA ALA A 34 -8.29 3.77 -10.28
C ALA A 34 -8.40 4.00 -8.78
N LYS A 35 -9.57 4.41 -8.32
CA LYS A 35 -9.76 4.63 -6.88
C LYS A 35 -9.52 3.34 -6.12
N MET A 36 -9.98 2.22 -6.68
CA MET A 36 -9.80 0.91 -6.05
C MET A 36 -8.33 0.57 -5.90
N ARG A 37 -7.57 0.73 -6.98
CA ARG A 37 -6.15 0.44 -6.95
C ARG A 37 -5.45 1.27 -5.88
N ASN A 38 -5.74 2.57 -5.84
CA ASN A 38 -5.10 3.43 -4.85
C ASN A 38 -5.43 3.01 -3.43
N LEU A 39 -6.67 2.57 -3.21
CA LEU A 39 -7.08 2.13 -1.90
C LEU A 39 -6.37 0.83 -1.52
N GLU A 40 -6.19 -0.04 -2.51
CA GLU A 40 -5.52 -1.31 -2.28
C GLU A 40 -4.06 -1.04 -1.90
N THR A 41 -3.41 -0.14 -2.61
CA THR A 41 -2.02 0.20 -2.33
C THR A 41 -1.91 0.68 -0.88
N GLN A 42 -2.84 1.53 -0.46
CA GLN A 42 -2.83 2.05 0.91
C GLN A 42 -3.06 0.90 1.87
N HIS A 43 -3.83 -0.08 1.41
CA HIS A 43 -4.14 -1.27 2.21
C HIS A 43 -2.88 -2.10 2.41
N LYS A 44 -2.15 -2.36 1.32
CA LYS A 44 -0.93 -3.15 1.40
C LYS A 44 0.05 -2.55 2.39
N VAL A 45 0.06 -1.23 2.50
CA VAL A 45 0.95 -0.57 3.44
C VAL A 45 0.57 -0.98 4.86
N LEU A 46 -0.73 -1.01 5.15
CA LEU A 46 -1.20 -1.40 6.47
C LEU A 46 -0.86 -2.87 6.73
N GLU A 47 -1.09 -3.71 5.71
CA GLU A 47 -0.81 -5.13 5.80
C GLU A 47 0.65 -5.43 6.09
N LEU A 48 1.52 -4.91 5.22
CA LEU A 48 2.95 -5.11 5.35
C LEU A 48 3.49 -4.58 6.66
N THR A 49 2.95 -3.44 7.09
CA THR A 49 3.38 -2.84 8.34
C THR A 49 3.09 -3.76 9.52
N ALA A 50 1.90 -4.35 9.52
CA ALA A 50 1.51 -5.27 10.59
C ALA A 50 2.30 -6.56 10.52
N GLU A 51 2.49 -7.07 9.31
CA GLU A 51 3.22 -8.30 9.12
C GLU A 51 4.70 -8.16 9.52
N ASN A 52 5.36 -7.09 9.09
CA ASN A 52 6.76 -6.88 9.46
C ASN A 52 6.87 -6.78 10.98
N GLU A 53 5.86 -6.19 11.60
CA GLU A 53 5.84 -6.07 13.06
C GLU A 53 5.79 -7.48 13.66
N ARG A 54 4.96 -8.33 13.07
CA ARG A 54 4.83 -9.70 13.54
C ARG A 54 6.12 -10.49 13.36
N LEU A 55 6.73 -10.38 12.20
CA LEU A 55 7.98 -11.10 11.95
C LEU A 55 9.06 -10.64 12.91
N GLN A 56 9.12 -9.35 13.17
CA GLN A 56 10.11 -8.79 14.07
C GLN A 56 9.93 -9.40 15.45
N LYS A 57 8.68 -9.59 15.84
CA LYS A 57 8.37 -10.18 17.13
C LYS A 57 8.82 -11.64 17.16
N LYS A 58 8.66 -12.30 16.02
CA LYS A 58 9.04 -13.68 15.90
C LYS A 58 10.56 -13.81 15.99
N VAL A 59 11.26 -12.85 15.39
CA VAL A 59 12.71 -12.83 15.43
C VAL A 59 13.16 -12.77 16.88
N GLU A 60 12.54 -11.86 17.64
CA GLU A 60 12.88 -11.69 19.04
C GLU A 60 12.58 -12.93 19.85
N GLN A 61 11.47 -13.60 19.54
CA GLN A 61 11.10 -14.80 20.26
C GLN A 61 12.10 -15.92 19.99
N LEU A 62 12.45 -16.11 18.72
CA LEU A 62 13.40 -17.15 18.34
C LEU A 62 14.74 -16.92 19.04
N SER A 63 15.16 -15.66 19.12
CA SER A 63 16.43 -15.32 19.76
C SER A 63 16.38 -15.67 21.24
N ARG A 64 15.24 -15.44 21.88
CA ARG A 64 15.13 -15.77 23.31
C ARG A 64 15.23 -17.28 23.50
N GLU A 65 14.64 -18.03 22.58
CA GLU A 65 14.67 -19.48 22.67
C GLU A 65 16.08 -20.01 22.46
N LEU A 66 16.85 -19.34 21.62
CA LEU A 66 18.23 -19.75 21.38
C LEU A 66 19.06 -19.46 22.60
N SER A 67 18.83 -18.29 23.21
CA SER A 67 19.57 -17.91 24.42
C SER A 67 19.27 -18.90 25.53
N THR A 68 17.99 -19.21 25.70
CA THR A 68 17.57 -20.14 26.73
C THR A 68 18.26 -21.49 26.60
N LEU A 69 18.34 -22.03 25.39
CA LEU A 69 18.98 -23.32 25.17
C LEU A 69 20.49 -23.26 25.40
N ARG A 70 21.12 -22.19 24.93
CA ARG A 70 22.56 -22.04 25.10
C ARG A 70 22.95 -21.83 26.56
N ASN A 71 22.00 -21.38 27.38
CA ASN A 71 22.30 -21.19 28.80
C ASN A 71 22.51 -22.55 29.47
N LEU A 72 22.00 -23.60 28.85
CA LEU A 72 22.12 -24.95 29.38
C LEU A 72 23.58 -25.40 29.38
N PHE A 73 24.35 -24.85 28.44
CA PHE A 73 25.76 -25.21 28.33
C PHE A 73 26.54 -24.77 29.56
N LYS A 74 26.24 -23.58 30.04
CA LYS A 74 26.90 -23.03 31.21
C LYS A 74 26.58 -23.83 32.47
N GLN A 75 27.10 -24.97 32.59
N ASP B 10 -25.74 33.69 -12.40
CA ASP B 10 -25.21 34.44 -13.58
C ASP B 10 -23.90 33.81 -14.03
N LYS B 11 -23.99 32.87 -14.97
CA LYS B 11 -22.82 32.16 -15.48
C LYS B 11 -22.03 32.87 -16.59
N HIS B 12 -22.23 34.18 -16.71
CA HIS B 12 -21.51 34.98 -17.70
C HIS B 12 -20.82 36.11 -16.96
N SER B 13 -21.28 36.35 -15.74
CA SER B 13 -20.75 37.39 -14.87
C SER B 13 -19.22 37.36 -14.82
N ASP B 14 -18.64 38.50 -14.47
CA ASP B 14 -17.20 38.62 -14.37
C ASP B 14 -16.79 37.93 -13.07
N GLU B 15 -17.58 38.16 -12.04
CA GLU B 15 -17.35 37.58 -10.72
C GLU B 15 -17.38 36.06 -10.81
N TYR B 16 -18.30 35.54 -11.61
CA TYR B 16 -18.45 34.10 -11.79
C TYR B 16 -17.16 33.46 -12.32
N LYS B 17 -16.68 33.99 -13.44
CA LYS B 17 -15.48 33.47 -14.08
C LYS B 17 -14.25 33.47 -13.18
N ILE B 18 -14.16 34.45 -12.27
CA ILE B 18 -13.01 34.51 -11.37
C ILE B 18 -13.22 33.51 -10.24
N ARG B 19 -14.48 33.26 -9.91
CA ARG B 19 -14.78 32.31 -8.86
C ARG B 19 -14.45 30.92 -9.41
N ARG B 20 -14.81 30.68 -10.67
CA ARG B 20 -14.52 29.41 -11.31
C ARG B 20 -13.03 29.21 -11.40
N GLU B 21 -12.30 30.26 -11.78
CA GLU B 21 -10.85 30.14 -11.90
C GLU B 21 -10.18 29.77 -10.58
N ARG B 22 -10.63 30.38 -9.48
CA ARG B 22 -10.05 30.05 -8.18
C ARG B 22 -10.31 28.59 -7.82
N ASN B 23 -11.52 28.11 -8.09
CA ASN B 23 -11.83 26.73 -7.77
C ASN B 23 -11.04 25.80 -8.69
N ASN B 24 -10.89 26.16 -9.96
CA ASN B 24 -10.14 25.30 -10.87
C ASN B 24 -8.70 25.16 -10.40
N ILE B 25 -8.16 26.25 -9.84
CA ILE B 25 -6.80 26.22 -9.32
C ILE B 25 -6.74 25.31 -8.09
N ALA B 26 -7.75 25.40 -7.24
CA ALA B 26 -7.80 24.58 -6.04
C ALA B 26 -7.94 23.09 -6.38
N VAL B 27 -8.72 22.81 -7.42
CA VAL B 27 -8.92 21.45 -7.85
C VAL B 27 -7.60 20.82 -8.33
N ARG B 28 -6.86 21.55 -9.16
CA ARG B 28 -5.59 21.00 -9.64
C ARG B 28 -4.62 20.82 -8.48
N LYS B 29 -4.66 21.73 -7.51
CA LYS B 29 -3.79 21.63 -6.34
C LYS B 29 -4.15 20.42 -5.48
N SER B 30 -5.44 20.24 -5.27
CA SER B 30 -5.94 19.13 -4.47
C SER B 30 -5.58 17.79 -5.12
N ARG B 31 -5.73 17.69 -6.42
CA ARG B 31 -5.43 16.45 -7.11
C ARG B 31 -3.95 16.14 -7.24
N ASP B 32 -3.11 17.16 -7.34
CA ASP B 32 -1.66 16.93 -7.43
C ASP B 32 -1.26 16.31 -6.11
N LYS B 33 -1.80 16.85 -5.04
CA LYS B 33 -1.51 16.39 -3.69
C LYS B 33 -1.93 14.93 -3.53
N ALA B 34 -3.13 14.60 -4.01
CA ALA B 34 -3.65 13.24 -3.90
C ALA B 34 -2.78 12.30 -4.72
N LYS B 35 -2.43 12.72 -5.93
CA LYS B 35 -1.60 11.87 -6.78
C LYS B 35 -0.21 11.70 -6.21
N MET B 36 0.28 12.69 -5.48
CA MET B 36 1.61 12.60 -4.89
C MET B 36 1.55 11.59 -3.74
N ARG B 37 0.52 11.75 -2.91
CA ARG B 37 0.31 10.87 -1.77
C ARG B 37 0.28 9.43 -2.27
N ASN B 38 -0.41 9.19 -3.38
CA ASN B 38 -0.49 7.86 -3.94
C ASN B 38 0.89 7.37 -4.35
N LEU B 39 1.67 8.26 -4.95
CA LEU B 39 3.02 7.94 -5.39
C LEU B 39 3.88 7.59 -4.18
N GLU B 40 3.76 8.36 -3.11
CA GLU B 40 4.52 8.11 -1.90
C GLU B 40 4.13 6.75 -1.31
N THR B 41 2.84 6.42 -1.39
CA THR B 41 2.35 5.15 -0.87
C THR B 41 2.89 3.98 -1.68
N GLN B 42 2.95 4.14 -2.99
CA GLN B 42 3.48 3.08 -3.85
C GLN B 42 4.94 2.82 -3.50
N HIS B 43 5.65 3.87 -3.12
CA HIS B 43 7.05 3.76 -2.75
C HIS B 43 7.19 3.06 -1.40
N LYS B 44 6.28 3.39 -0.48
CA LYS B 44 6.31 2.80 0.84
C LYS B 44 6.10 1.29 0.76
N VAL B 45 5.27 0.86 -0.18
CA VAL B 45 5.01 -0.57 -0.37
C VAL B 45 6.29 -1.28 -0.82
N LEU B 46 7.04 -0.64 -1.71
CA LEU B 46 8.28 -1.21 -2.19
C LEU B 46 9.29 -1.32 -1.04
N GLU B 47 9.31 -0.30 -0.20
CA GLU B 47 10.20 -0.26 0.95
C GLU B 47 9.83 -1.32 1.99
N LEU B 48 8.54 -1.45 2.26
CA LEU B 48 8.06 -2.42 3.23
C LEU B 48 8.20 -3.84 2.71
N THR B 49 8.17 -3.99 1.40
CA THR B 49 8.31 -5.31 0.81
C THR B 49 9.74 -5.79 0.95
N ALA B 50 10.69 -4.89 0.74
CA ALA B 50 12.10 -5.25 0.87
C ALA B 50 12.38 -5.60 2.33
N GLU B 51 11.77 -4.85 3.25
CA GLU B 51 11.95 -5.10 4.67
C GLU B 51 11.30 -6.42 5.07
N ASN B 52 10.17 -6.72 4.45
CA ASN B 52 9.46 -7.96 4.73
C ASN B 52 10.32 -9.13 4.31
N GLU B 53 10.94 -9.02 3.14
CA GLU B 53 11.79 -10.10 2.63
C GLU B 53 13.02 -10.28 3.52
N ARG B 54 13.54 -9.19 4.06
CA ARG B 54 14.70 -9.28 4.93
C ARG B 54 14.30 -10.03 6.20
N LEU B 55 13.16 -9.64 6.78
CA LEU B 55 12.68 -10.28 7.99
C LEU B 55 12.36 -11.76 7.77
N GLN B 56 11.77 -12.09 6.62
CA GLN B 56 11.46 -13.48 6.33
C GLN B 56 12.74 -14.31 6.33
N LYS B 57 13.79 -13.79 5.71
CA LYS B 57 15.07 -14.49 5.64
C LYS B 57 15.66 -14.69 7.03
N LYS B 58 15.52 -13.66 7.87
CA LYS B 58 16.03 -13.70 9.24
C LYS B 58 15.30 -14.77 10.06
N VAL B 59 13.97 -14.78 9.95
CA VAL B 59 13.15 -15.75 10.67
C VAL B 59 13.51 -17.16 10.25
N GLU B 60 13.69 -17.37 8.95
CA GLU B 60 14.03 -18.68 8.44
C GLU B 60 15.41 -19.13 8.95
N GLN B 61 16.37 -18.22 8.89
CA GLN B 61 17.72 -18.53 9.34
C GLN B 61 17.72 -18.86 10.83
N LEU B 62 17.07 -18.03 11.64
CA LEU B 62 17.01 -18.30 13.07
C LEU B 62 16.24 -19.58 13.39
N SER B 63 15.20 -19.85 12.62
CA SER B 63 14.41 -21.06 12.85
C SER B 63 15.25 -22.31 12.62
N ARG B 64 16.04 -22.31 11.55
CA ARG B 64 16.88 -23.45 11.25
C ARG B 64 17.98 -23.58 12.31
N GLU B 65 18.45 -22.44 12.81
CA GLU B 65 19.50 -22.42 13.82
C GLU B 65 18.95 -23.06 15.09
N LEU B 66 17.74 -22.63 15.47
CA LEU B 66 17.10 -23.17 16.65
C LEU B 66 16.80 -24.66 16.49
N SER B 67 16.29 -25.05 15.32
CA SER B 67 15.98 -26.45 15.09
C SER B 67 17.21 -27.36 15.23
N THR B 68 18.32 -26.94 14.66
CA THR B 68 19.55 -27.74 14.73
C THR B 68 20.01 -27.86 16.18
N LEU B 69 19.95 -26.75 16.92
CA LEU B 69 20.37 -26.76 18.31
C LEU B 69 19.47 -27.66 19.16
N ARG B 70 18.16 -27.60 18.93
CA ARG B 70 17.23 -28.45 19.67
C ARG B 70 17.50 -29.91 19.37
N ASN B 71 17.80 -30.22 18.11
CA ASN B 71 18.08 -31.60 17.76
C ASN B 71 19.29 -32.09 18.53
N LEU B 72 20.33 -31.26 18.61
CA LEU B 72 21.54 -31.63 19.34
C LEU B 72 21.22 -32.04 20.77
N PHE B 73 20.51 -31.19 21.49
CA PHE B 73 20.15 -31.51 22.86
C PHE B 73 19.34 -32.80 22.92
N LYS B 74 18.36 -32.92 22.04
CA LYS B 74 17.52 -34.11 22.00
C LYS B 74 18.33 -35.40 21.77
N GLN B 75 19.53 -35.26 21.21
CA GLN B 75 20.34 -36.44 20.95
C GLN B 75 21.24 -36.91 22.11
N LEU B 76 21.16 -36.23 23.25
CA LEU B 76 21.97 -36.60 24.40
C LEU B 76 21.65 -38.02 24.88
N PRO B 77 22.31 -38.47 25.85
#